data_8DHG
#
_entry.id   8DHG
#
_cell.length_a   91.353
_cell.length_b   91.353
_cell.length_c   122.797
_cell.angle_alpha   90.000
_cell.angle_beta   90.000
_cell.angle_gamma   120.000
#
_symmetry.space_group_name_H-M   'P 32 2 1'
#
loop_
_entity.id
_entity.type
_entity.pdbx_description
1 polymer 'Dihydroorotate dehydrogenase (quinone), mitochondrial'
2 non-polymer 'FLAVIN MONONUCLEOTIDE'
3 non-polymer 'OROTIC ACID'
4 non-polymer (6M)-N-(2-chloro-4-methylpyridin-3-yl)-6-[4-ethyl-3-(hydroxymethyl)-5-oxo-4,5-dihydro-1H-1,2,4-triazol-1-yl]-5-fluoro-2-{[(2S)-1,1,1-trifluoropropan-2-yl]oxy}pyridine-3-carboxamide
5 non-polymer 'SULFATE ION'
6 non-polymer 'ACETATE ION'
7 non-polymer GLYCEROL
8 water water
#
_entity_poly.entity_id   1
_entity_poly.type   'polypeptide(L)'
_entity_poly.pdbx_seq_one_letter_code
;GAMATGDERFYAEHLMPTLQGLLDPESAHRLAVRFTSLGLLPRARFQDSDMLEVRVLGHKFRNPVGIAAGFDKHGEAVDG
LYKMGFGFVEIGSVTPKPQEGNPRPRVFRLPEDQAVINRYGFNSHGLSVVEHRLRARQQKQAKLTEDGLPLGVNLGKNKT
SVDAAEDYAEGVRVLGPLADYLVVNVSSPNTAGLRSLQGKAELRRLLTKVLQERDGLRRVHRPAVLVKIAPDLTSQDKED
IASVVKELGIDGLIVTNTTVSRPAGLQGALRSETGGLSGKPLRDLSTQTIREMYALTQGRVPIIGVGGVSSGQDALEKIR
AGASLVQLYTALTFWGPPVVGKVKRELEALLKEQGFGGVTDAIGADHRR
;
_entity_poly.pdbx_strand_id   A
#
loop_
_chem_comp.id
_chem_comp.type
_chem_comp.name
_chem_comp.formula
ACT non-polymer 'ACETATE ION' 'C2 H3 O2 -1'
FMN non-polymer 'FLAVIN MONONUCLEOTIDE' 'C17 H21 N4 O9 P'
GOL non-polymer GLYCEROL 'C3 H8 O3'
ORO non-polymer 'OROTIC ACID' 'C5 H4 N2 O4'
SO4 non-polymer 'SULFATE ION' 'O4 S -2'
T78 non-polymer (6M)-N-(2-chloro-4-methylpyridin-3-yl)-6-[4-ethyl-3-(hydroxymethyl)-5-oxo-4,5-dihydro-1H-1,2,4-triazol-1-yl]-5-fluoro-2-{[(2S)-1,1,1-trifluoropropan-2-yl]oxy}pyridine-3-carboxamide 'C20 H19 Cl F4 N6 O4'
#
# COMPACT_ATOMS: atom_id res chain seq x y z
N ALA A 2 -7.11 10.70 26.94
CA ALA A 2 -8.19 9.79 26.41
C ALA A 2 -7.90 8.30 26.64
N MET A 3 -8.95 7.48 26.53
CA MET A 3 -8.81 6.01 26.45
C MET A 3 -8.08 5.56 25.17
N ALA A 4 -8.23 6.34 24.08
CA ALA A 4 -7.54 6.11 22.78
C ALA A 4 -6.03 6.32 22.88
N THR A 5 -5.63 7.47 23.42
CA THR A 5 -4.21 7.76 23.67
C THR A 5 -3.64 6.79 24.74
N GLY A 6 -4.50 6.29 25.65
CA GLY A 6 -4.16 5.22 26.61
C GLY A 6 -3.67 3.93 25.96
N ASP A 7 -4.52 3.35 25.12
CA ASP A 7 -4.16 2.18 24.30
C ASP A 7 -2.92 2.45 23.44
N GLU A 8 -2.85 3.62 22.79
CA GLU A 8 -1.72 3.94 21.90
C GLU A 8 -0.39 3.78 22.63
N ARG A 9 -0.31 4.41 23.80
N ARG A 9 -0.31 4.41 23.80
CA ARG A 9 0.85 4.33 24.68
CA ARG A 9 0.85 4.33 24.69
C ARG A 9 1.20 2.91 25.14
C ARG A 9 1.21 2.91 25.12
N PHE A 10 0.20 2.18 25.61
CA PHE A 10 0.41 0.83 26.10
C PHE A 10 0.96 -0.09 25.01
N TYR A 11 0.37 -0.04 23.82
CA TYR A 11 0.84 -0.83 22.68
C TYR A 11 2.26 -0.47 22.24
N ALA A 12 2.53 0.83 22.13
CA ALA A 12 3.80 1.33 21.59
C ALA A 12 4.95 1.15 22.59
N GLU A 13 4.68 1.49 23.85
CA GLU A 13 5.70 1.47 24.91
C GLU A 13 5.91 0.11 25.56
N HIS A 14 4.90 -0.78 25.54
CA HIS A 14 4.93 -2.03 26.35
C HIS A 14 4.60 -3.29 25.58
N LEU A 15 3.41 -3.35 25.00
CA LEU A 15 2.94 -4.61 24.40
C LEU A 15 3.72 -4.99 23.15
N MET A 16 3.80 -4.09 22.16
CA MET A 16 4.52 -4.41 20.90
C MET A 16 6.00 -4.75 21.12
N PRO A 17 6.77 -3.93 21.89
CA PRO A 17 8.15 -4.34 22.19
C PRO A 17 8.29 -5.72 22.86
N THR A 18 7.35 -6.05 23.76
CA THR A 18 7.35 -7.34 24.44
C THR A 18 7.09 -8.49 23.45
N LEU A 19 6.05 -8.35 22.65
CA LEU A 19 5.68 -9.38 21.66
C LEU A 19 6.74 -9.58 20.59
N GLN A 20 7.34 -8.48 20.12
CA GLN A 20 8.38 -8.56 19.09
C GLN A 20 9.65 -9.17 19.66
N GLY A 21 9.95 -8.95 20.94
CA GLY A 21 11.01 -9.67 21.64
C GLY A 21 10.79 -11.16 21.92
N LEU A 22 9.55 -11.67 21.83
CA LEU A 22 9.19 -13.10 22.02
C LEU A 22 9.01 -13.91 20.76
N LEU A 23 8.85 -13.24 19.61
CA LEU A 23 8.47 -13.87 18.35
C LEU A 23 9.48 -13.47 17.28
N ASP A 24 9.85 -14.41 16.41
CA ASP A 24 10.56 -14.04 15.18
C ASP A 24 9.63 -13.21 14.28
N PRO A 25 10.20 -12.38 13.39
CA PRO A 25 9.34 -11.42 12.66
C PRO A 25 8.25 -12.07 11.76
N GLU A 26 8.59 -13.16 11.08
CA GLU A 26 7.58 -13.82 10.27
C GLU A 26 6.45 -14.47 11.11
N SER A 27 6.80 -15.05 12.25
CA SER A 27 5.77 -15.57 13.16
C SER A 27 4.85 -14.46 13.64
N ALA A 28 5.41 -13.29 13.97
CA ALA A 28 4.63 -12.10 14.35
C ALA A 28 3.63 -11.72 13.27
N HIS A 29 4.11 -11.70 12.03
CA HIS A 29 3.29 -11.45 10.84
C HIS A 29 2.13 -12.47 10.70
N ARG A 30 2.46 -13.75 10.70
CA ARG A 30 1.44 -14.81 10.61
C ARG A 30 0.38 -14.72 11.70
N LEU A 31 0.82 -14.50 12.95
CA LEU A 31 -0.12 -14.37 14.08
C LEU A 31 -0.99 -13.13 13.95
N ALA A 32 -0.40 -12.04 13.49
CA ALA A 32 -1.14 -10.80 13.21
C ALA A 32 -2.26 -10.98 12.21
N VAL A 33 -1.97 -11.70 11.13
CA VAL A 33 -2.97 -12.01 10.12
C VAL A 33 -4.08 -12.82 10.76
N ARG A 34 -3.71 -13.82 11.56
CA ARG A 34 -4.70 -14.69 12.18
C ARG A 34 -5.60 -13.92 13.16
N PHE A 35 -5.00 -13.14 14.04
CA PHE A 35 -5.78 -12.29 14.98
C PHE A 35 -6.67 -11.28 14.25
N THR A 36 -6.15 -10.67 13.18
CA THR A 36 -6.97 -9.76 12.39
C THR A 36 -8.14 -10.49 11.74
N SER A 37 -7.86 -11.65 11.14
N SER A 37 -7.86 -11.64 11.13
CA SER A 37 -8.91 -12.45 10.51
CA SER A 37 -8.89 -12.50 10.53
C SER A 37 -10.02 -12.88 11.49
C SER A 37 -10.02 -12.86 11.49
N LEU A 38 -9.67 -13.09 12.75
CA LEU A 38 -10.64 -13.39 13.82
C LEU A 38 -11.31 -12.16 14.47
N GLY A 39 -10.94 -10.94 14.06
CA GLY A 39 -11.54 -9.72 14.60
C GLY A 39 -11.16 -9.44 16.04
N LEU A 40 -9.97 -9.88 16.47
CA LEU A 40 -9.54 -9.78 17.88
C LEU A 40 -8.85 -8.44 18.05
N LEU A 41 -9.68 -7.39 18.09
CA LEU A 41 -9.25 -6.01 17.98
C LEU A 41 -10.22 -5.13 18.78
N PRO A 42 -9.72 -4.02 19.40
CA PRO A 42 -10.60 -2.99 19.97
C PRO A 42 -11.79 -2.58 19.07
N ARG A 43 -12.92 -2.26 19.70
CA ARG A 43 -14.11 -1.76 18.99
C ARG A 43 -13.82 -0.37 18.39
N ALA A 44 -14.73 0.07 17.51
CA ALA A 44 -14.57 1.34 16.76
C ALA A 44 -14.44 2.60 17.66
N ARG A 45 -13.20 2.97 17.96
CA ARG A 45 -12.87 4.09 18.87
C ARG A 45 -13.00 5.44 18.15
N PHE A 46 -12.31 5.57 17.01
CA PHE A 46 -12.34 6.77 16.15
C PHE A 46 -13.44 6.68 15.06
N GLN A 47 -14.59 7.34 15.31
CA GLN A 47 -15.66 7.51 14.29
C GLN A 47 -15.21 8.53 13.24
N ASP A 48 -15.20 8.13 11.96
CA ASP A 48 -14.56 8.92 10.89
C ASP A 48 -15.34 10.21 10.59
N SER A 49 -14.67 11.35 10.74
CA SER A 49 -15.17 12.67 10.32
C SER A 49 -15.41 12.77 8.81
N ASP A 50 -16.38 13.59 8.42
CA ASP A 50 -16.59 14.00 7.00
C ASP A 50 -15.37 14.68 6.35
N MET A 51 -14.58 15.38 7.15
CA MET A 51 -13.30 15.95 6.73
C MET A 51 -12.33 14.95 6.06
N LEU A 52 -12.38 13.69 6.52
CA LEU A 52 -11.52 12.64 6.01
C LEU A 52 -11.96 11.93 4.73
N GLU A 53 -13.18 12.19 4.30
CA GLU A 53 -13.71 11.58 3.09
C GLU A 53 -12.98 12.08 1.84
N VAL A 54 -12.65 11.15 0.95
CA VAL A 54 -12.01 11.45 -0.32
C VAL A 54 -12.77 10.71 -1.41
N ARG A 55 -13.03 11.39 -2.53
CA ARG A 55 -13.58 10.80 -3.75
C ARG A 55 -12.51 10.76 -4.83
N VAL A 56 -12.09 9.56 -5.21
CA VAL A 56 -11.04 9.37 -6.22
C VAL A 56 -11.14 7.94 -6.77
N LEU A 57 -10.55 7.68 -7.95
CA LEU A 57 -10.52 6.31 -8.56
C LEU A 57 -11.92 5.69 -8.81
N GLY A 58 -12.94 6.54 -9.02
CA GLY A 58 -14.34 6.10 -9.16
C GLY A 58 -15.03 5.63 -7.89
N HIS A 59 -14.53 6.06 -6.71
CA HIS A 59 -15.01 5.58 -5.40
C HIS A 59 -14.94 6.64 -4.29
N LYS A 60 -15.85 6.48 -3.33
CA LYS A 60 -15.80 7.12 -2.01
C LYS A 60 -14.84 6.32 -1.14
N PHE A 61 -13.95 7.03 -0.45
CA PHE A 61 -13.07 6.49 0.58
C PHE A 61 -13.44 7.23 1.86
N ARG A 62 -13.97 6.50 2.84
CA ARG A 62 -14.46 7.08 4.10
C ARG A 62 -13.32 7.82 4.84
N ASN A 63 -12.10 7.29 4.76
CA ASN A 63 -10.91 7.97 5.24
C ASN A 63 -9.77 7.63 4.31
N PRO A 64 -8.66 8.42 4.33
CA PRO A 64 -7.62 8.24 3.34
C PRO A 64 -6.47 7.33 3.76
N VAL A 65 -6.63 6.55 4.84
CA VAL A 65 -5.53 5.78 5.42
C VAL A 65 -5.79 4.31 5.12
N GLY A 66 -4.96 3.72 4.24
CA GLY A 66 -5.12 2.34 3.83
C GLY A 66 -4.01 1.46 4.38
N ILE A 67 -4.23 0.16 4.33
CA ILE A 67 -3.23 -0.84 4.65
C ILE A 67 -2.54 -1.15 3.32
N ALA A 68 -1.21 -1.02 3.33
CA ALA A 68 -0.37 -1.29 2.17
C ALA A 68 -0.32 -2.81 1.87
N ALA A 69 -0.10 -3.12 0.60
CA ALA A 69 0.19 -4.49 0.18
C ALA A 69 1.33 -5.10 1.00
N GLY A 70 1.23 -6.41 1.24
CA GLY A 70 2.25 -7.14 1.97
C GLY A 70 1.79 -7.69 3.29
N PHE A 71 0.90 -6.97 3.97
CA PHE A 71 0.40 -7.44 5.24
C PHE A 71 -0.52 -8.63 5.03
N ASP A 72 -1.53 -8.43 4.18
CA ASP A 72 -2.48 -9.46 3.84
C ASP A 72 -2.30 -9.91 2.40
N LYS A 73 -1.26 -10.71 2.20
CA LYS A 73 -0.89 -11.18 0.87
C LYS A 73 -1.95 -12.02 0.20
N HIS A 74 -2.70 -12.82 0.98
CA HIS A 74 -3.58 -13.83 0.41
C HIS A 74 -5.07 -13.54 0.66
N GLY A 75 -5.41 -12.33 1.07
CA GLY A 75 -6.80 -11.91 1.27
C GLY A 75 -7.54 -12.59 2.40
N GLU A 76 -6.82 -12.88 3.48
CA GLU A 76 -7.37 -13.61 4.65
C GLU A 76 -7.96 -12.73 5.74
N ALA A 77 -7.65 -11.45 5.74
CA ALA A 77 -7.88 -10.60 6.92
C ALA A 77 -8.59 -9.30 6.55
N VAL A 78 -9.30 -9.28 5.41
CA VAL A 78 -9.82 -8.04 4.84
C VAL A 78 -10.79 -7.38 5.80
N ASP A 79 -11.75 -8.17 6.31
CA ASP A 79 -12.79 -7.64 7.18
C ASP A 79 -12.23 -7.08 8.48
N GLY A 80 -11.25 -7.79 9.07
CA GLY A 80 -10.56 -7.33 10.26
C GLY A 80 -9.78 -6.04 10.05
N LEU A 81 -9.21 -5.87 8.84
CA LEU A 81 -8.53 -4.62 8.50
C LEU A 81 -9.49 -3.42 8.45
N TYR A 82 -10.69 -3.58 7.91
CA TYR A 82 -11.70 -2.49 8.02
C TYR A 82 -12.09 -2.22 9.48
N LYS A 83 -12.21 -3.27 10.29
CA LYS A 83 -12.53 -3.11 11.70
C LYS A 83 -11.44 -2.33 12.45
N MET A 84 -10.19 -2.53 12.03
CA MET A 84 -9.02 -1.80 12.56
C MET A 84 -9.08 -0.29 12.25
N GLY A 85 -9.89 0.13 11.28
CA GLY A 85 -10.15 1.54 10.96
C GLY A 85 -9.56 2.01 9.65
N PHE A 86 -8.97 1.11 8.86
CA PHE A 86 -8.47 1.47 7.53
C PHE A 86 -9.60 1.86 6.59
N GLY A 87 -9.42 2.97 5.88
CA GLY A 87 -10.40 3.43 4.89
C GLY A 87 -10.45 2.60 3.62
N PHE A 88 -9.40 1.84 3.36
CA PHE A 88 -9.37 0.92 2.26
C PHE A 88 -8.29 -0.12 2.50
N VAL A 89 -8.42 -1.25 1.83
CA VAL A 89 -7.54 -2.40 2.06
C VAL A 89 -6.95 -2.81 0.72
N GLU A 90 -5.64 -3.02 0.67
CA GLU A 90 -4.97 -3.59 -0.50
C GLU A 90 -4.43 -4.95 -0.09
N ILE A 91 -4.86 -5.98 -0.80
CA ILE A 91 -4.30 -7.33 -0.61
C ILE A 91 -3.25 -7.62 -1.66
N GLY A 92 -2.48 -8.68 -1.43
CA GLY A 92 -1.44 -9.08 -2.34
C GLY A 92 -0.03 -8.69 -1.88
N SER A 93 0.99 -8.90 -2.71
CA SER A 93 0.86 -9.31 -4.11
C SER A 93 0.43 -10.78 -4.27
N VAL A 94 -0.45 -11.01 -5.24
CA VAL A 94 -0.93 -12.34 -5.58
C VAL A 94 -0.31 -12.73 -6.89
N THR A 95 0.26 -13.93 -6.95
CA THR A 95 0.85 -14.44 -8.19
C THR A 95 -0.09 -15.46 -8.87
N PRO A 96 0.09 -15.71 -10.17
CA PRO A 96 -0.84 -16.63 -10.85
C PRO A 96 -0.88 -18.04 -10.27
N LYS A 97 0.28 -18.66 -10.15
CA LYS A 97 0.42 -19.98 -9.55
C LYS A 97 0.85 -19.77 -8.10
N PRO A 98 0.52 -20.71 -7.19
CA PRO A 98 1.09 -20.67 -5.83
C PRO A 98 2.64 -20.73 -5.86
N GLN A 99 3.29 -20.00 -4.98
CA GLN A 99 4.73 -20.18 -4.83
C GLN A 99 5.14 -19.85 -3.42
N GLU A 100 6.23 -20.48 -2.99
CA GLU A 100 6.67 -20.42 -1.60
C GLU A 100 7.39 -19.12 -1.23
N GLY A 101 7.96 -18.43 -2.22
CA GLY A 101 8.84 -17.28 -1.98
C GLY A 101 10.23 -17.73 -1.57
N ASN A 102 11.00 -16.81 -1.01
CA ASN A 102 12.39 -17.06 -0.64
C ASN A 102 12.53 -17.92 0.63
N PRO A 103 13.69 -18.58 0.84
CA PRO A 103 13.92 -19.31 2.12
C PRO A 103 13.91 -18.41 3.34
N ARG A 104 13.54 -18.96 4.50
N ARG A 104 13.51 -18.96 4.49
CA ARG A 104 13.55 -18.23 5.78
CA ARG A 104 13.55 -18.25 5.77
C ARG A 104 14.93 -18.35 6.45
C ARG A 104 15.00 -18.25 6.29
N PRO A 105 15.38 -17.28 7.15
CA PRO A 105 14.67 -16.04 7.47
C PRO A 105 14.64 -15.05 6.30
N ARG A 106 13.51 -14.36 6.18
CA ARG A 106 13.30 -13.39 5.11
C ARG A 106 12.60 -12.10 5.54
N VAL A 107 12.51 -11.85 6.85
CA VAL A 107 11.98 -10.61 7.41
C VAL A 107 12.84 -10.26 8.62
N PHE A 108 13.19 -8.98 8.75
CA PHE A 108 14.21 -8.52 9.70
C PHE A 108 13.73 -7.19 10.31
N ARG A 109 13.77 -7.09 11.64
CA ARG A 109 13.38 -5.87 12.35
C ARG A 109 14.61 -5.03 12.63
N LEU A 110 14.46 -3.72 12.44
CA LEU A 110 15.49 -2.73 12.78
C LEU A 110 14.80 -1.75 13.75
N PRO A 111 14.54 -2.20 15.01
CA PRO A 111 13.77 -1.33 15.96
C PRO A 111 14.39 0.07 16.23
N GLU A 112 15.70 0.16 16.28
CA GLU A 112 16.45 1.42 16.47
C GLU A 112 16.20 2.42 15.36
N ASP A 113 15.88 1.92 14.18
CA ASP A 113 15.57 2.72 13.01
C ASP A 113 14.08 2.84 12.70
N GLN A 114 13.21 2.19 13.47
N GLN A 114 13.21 2.19 13.48
CA GLN A 114 11.78 2.06 13.19
CA GLN A 114 11.78 2.02 13.19
C GLN A 114 11.55 1.60 11.75
C GLN A 114 11.56 1.59 11.76
N ALA A 115 12.28 0.52 11.39
CA ALA A 115 12.32 0.05 10.02
C ALA A 115 12.28 -1.48 10.01
N VAL A 116 11.91 -2.01 8.84
CA VAL A 116 11.96 -3.44 8.54
C VAL A 116 12.69 -3.62 7.22
N ILE A 117 13.37 -4.76 7.08
CA ILE A 117 13.85 -5.24 5.79
C ILE A 117 13.14 -6.56 5.52
N ASN A 118 12.58 -6.69 4.32
CA ASN A 118 11.97 -7.96 3.92
C ASN A 118 12.48 -8.42 2.56
N ARG A 119 12.54 -9.73 2.40
CA ARG A 119 12.78 -10.36 1.09
C ARG A 119 11.90 -11.58 0.99
N TYR A 120 10.61 -11.37 1.20
CA TYR A 120 9.64 -12.46 1.09
C TYR A 120 9.71 -13.21 -0.24
N GLY A 121 9.86 -12.46 -1.32
CA GLY A 121 9.93 -13.03 -2.66
C GLY A 121 8.60 -13.47 -3.24
N PHE A 122 7.54 -12.72 -2.94
CA PHE A 122 6.21 -12.96 -3.50
C PHE A 122 5.68 -14.36 -3.16
N ASN A 123 5.78 -14.72 -1.89
CA ASN A 123 5.11 -15.91 -1.38
C ASN A 123 3.60 -15.65 -1.58
N SER A 124 2.93 -16.59 -2.22
CA SER A 124 1.53 -16.40 -2.60
C SER A 124 0.77 -17.71 -2.65
N HIS A 125 -0.47 -17.65 -2.16
CA HIS A 125 -1.41 -18.77 -2.30
C HIS A 125 -1.90 -18.93 -3.72
N GLY A 126 -1.70 -17.90 -4.55
CA GLY A 126 -1.99 -18.02 -5.98
C GLY A 126 -3.36 -17.47 -6.28
N LEU A 127 -3.61 -17.16 -7.56
CA LEU A 127 -4.88 -16.54 -7.96
C LEU A 127 -6.15 -17.32 -7.62
N SER A 128 -6.11 -18.65 -7.84
CA SER A 128 -7.27 -19.52 -7.66
CA SER A 128 -7.31 -19.47 -7.67
C SER A 128 -7.76 -19.48 -6.21
N VAL A 129 -6.82 -19.68 -5.27
CA VAL A 129 -7.15 -19.68 -3.82
C VAL A 129 -7.68 -18.30 -3.37
N VAL A 130 -7.05 -17.23 -3.83
CA VAL A 130 -7.48 -15.89 -3.48
C VAL A 130 -8.85 -15.58 -4.10
N GLU A 131 -9.07 -15.94 -5.36
CA GLU A 131 -10.34 -15.75 -6.07
C GLU A 131 -11.50 -16.39 -5.27
N HIS A 132 -11.33 -17.64 -4.86
CA HIS A 132 -12.38 -18.32 -4.09
C HIS A 132 -12.59 -17.70 -2.71
N ARG A 133 -11.51 -17.25 -2.09
CA ARG A 133 -11.58 -16.56 -0.80
C ARG A 133 -12.36 -15.24 -0.92
N LEU A 134 -12.11 -14.46 -1.96
CA LEU A 134 -12.87 -13.22 -2.20
C LEU A 134 -14.30 -13.47 -2.65
N ARG A 135 -14.52 -14.55 -3.42
CA ARG A 135 -15.87 -14.88 -3.84
C ARG A 135 -16.78 -15.19 -2.66
N ALA A 136 -16.22 -15.81 -1.63
CA ALA A 136 -16.98 -16.18 -0.44
C ALA A 136 -17.58 -14.97 0.29
N ARG A 137 -16.97 -13.80 0.12
CA ARG A 137 -17.37 -12.56 0.79
C ARG A 137 -17.67 -11.43 -0.19
N GLN A 138 -18.08 -11.80 -1.41
CA GLN A 138 -18.16 -10.84 -2.50
C GLN A 138 -19.26 -9.78 -2.25
N GLN A 139 -20.41 -10.21 -1.77
CA GLN A 139 -21.53 -9.30 -1.48
C GLN A 139 -21.30 -8.48 -0.22
N LYS A 140 -20.67 -9.07 0.79
CA LYS A 140 -20.21 -8.29 1.94
C LYS A 140 -19.29 -7.15 1.47
N GLN A 141 -18.35 -7.45 0.58
CA GLN A 141 -17.46 -6.43 0.01
C GLN A 141 -18.20 -5.38 -0.83
N ALA A 142 -19.16 -5.79 -1.65
CA ALA A 142 -19.99 -4.83 -2.39
C ALA A 142 -20.64 -3.78 -1.48
N LYS A 143 -21.16 -4.20 -0.31
CA LYS A 143 -21.74 -3.25 0.65
C LYS A 143 -20.67 -2.36 1.30
N LEU A 144 -19.52 -2.95 1.61
CA LEU A 144 -18.39 -2.20 2.19
C LEU A 144 -17.92 -1.08 1.24
N THR A 145 -17.75 -1.43 -0.03
CA THR A 145 -17.35 -0.49 -1.09
C THR A 145 -18.41 0.60 -1.26
N GLU A 146 -19.69 0.21 -1.30
CA GLU A 146 -20.79 1.21 -1.33
C GLU A 146 -20.78 2.16 -0.12
N ASP A 147 -20.38 1.65 1.05
CA ASP A 147 -20.23 2.45 2.27
C ASP A 147 -18.92 3.24 2.38
N GLY A 148 -18.07 3.24 1.35
CA GLY A 148 -16.84 3.99 1.34
C GLY A 148 -15.62 3.25 1.81
N LEU A 149 -15.63 1.91 1.69
CA LEU A 149 -14.50 1.08 2.15
C LEU A 149 -14.07 0.14 1.03
N PRO A 150 -13.32 0.69 0.03
CA PRO A 150 -12.94 -0.13 -1.13
C PRO A 150 -11.81 -1.13 -0.91
N LEU A 151 -11.70 -2.05 -1.89
CA LEU A 151 -10.73 -3.12 -1.90
C LEU A 151 -9.82 -3.01 -3.12
N GLY A 152 -8.54 -3.03 -2.87
CA GLY A 152 -7.51 -3.11 -3.90
C GLY A 152 -6.88 -4.49 -3.92
N VAL A 153 -6.37 -4.89 -5.09
CA VAL A 153 -5.63 -6.15 -5.26
C VAL A 153 -4.35 -5.86 -6.01
N ASN A 154 -3.23 -6.20 -5.37
CA ASN A 154 -1.91 -6.04 -5.98
C ASN A 154 -1.54 -7.35 -6.67
N LEU A 155 -1.27 -7.29 -7.98
CA LEU A 155 -0.98 -8.44 -8.80
C LEU A 155 0.53 -8.58 -9.02
N GLY A 156 1.04 -9.77 -8.76
CA GLY A 156 2.42 -10.14 -9.01
C GLY A 156 2.59 -11.10 -10.13
N LYS A 157 3.84 -11.51 -10.32
CA LYS A 157 4.19 -12.52 -11.31
C LYS A 157 4.99 -13.62 -10.65
N ASN A 158 4.93 -14.82 -11.22
CA ASN A 158 5.66 -15.94 -10.69
C ASN A 158 7.16 -15.75 -10.99
N LYS A 159 7.99 -16.24 -10.10
CA LYS A 159 9.45 -16.16 -10.19
C LYS A 159 9.99 -16.62 -11.53
N THR A 160 9.50 -17.76 -11.99
CA THR A 160 9.99 -18.41 -13.21
C THR A 160 9.30 -18.00 -14.53
N SER A 161 8.45 -16.96 -14.51
N SER A 161 8.43 -16.98 -14.51
CA SER A 161 7.66 -16.52 -15.66
CA SER A 161 7.65 -16.60 -15.70
C SER A 161 8.52 -15.91 -16.78
C SER A 161 8.49 -15.92 -16.78
N VAL A 162 8.40 -16.47 -17.99
CA VAL A 162 8.97 -15.86 -19.22
C VAL A 162 8.24 -14.57 -19.68
N ASP A 163 6.93 -14.49 -19.43
CA ASP A 163 6.03 -13.45 -19.92
C ASP A 163 5.36 -12.73 -18.74
N ALA A 164 6.03 -11.69 -18.23
CA ALA A 164 5.48 -10.85 -17.16
C ALA A 164 4.07 -10.31 -17.47
N ALA A 165 3.90 -9.77 -18.67
CA ALA A 165 2.61 -9.23 -19.13
C ALA A 165 1.46 -10.23 -19.06
N GLU A 166 1.73 -11.49 -19.41
CA GLU A 166 0.69 -12.53 -19.36
C GLU A 166 0.31 -12.86 -17.92
N ASP A 167 1.29 -12.92 -17.01
CA ASP A 167 1.00 -13.11 -15.56
C ASP A 167 0.08 -12.00 -15.05
N TYR A 168 0.39 -10.75 -15.37
CA TYR A 168 -0.45 -9.64 -14.92
C TYR A 168 -1.82 -9.70 -15.58
N ALA A 169 -1.86 -10.00 -16.87
CA ALA A 169 -3.11 -10.19 -17.61
C ALA A 169 -3.99 -11.28 -16.96
N GLU A 170 -3.39 -12.42 -16.58
CA GLU A 170 -4.10 -13.53 -15.88
CA GLU A 170 -4.13 -13.52 -15.90
C GLU A 170 -4.76 -13.00 -14.60
N GLY A 171 -4.00 -12.19 -13.84
CA GLY A 171 -4.48 -11.53 -12.62
C GLY A 171 -5.66 -10.58 -12.81
N VAL A 172 -5.59 -9.77 -13.86
CA VAL A 172 -6.71 -8.88 -14.26
C VAL A 172 -7.97 -9.70 -14.52
N ARG A 173 -7.85 -10.77 -15.29
CA ARG A 173 -9.01 -11.61 -15.63
C ARG A 173 -9.63 -12.31 -14.42
N VAL A 174 -8.81 -12.79 -13.50
CA VAL A 174 -9.27 -13.60 -12.36
C VAL A 174 -9.73 -12.74 -11.20
N LEU A 175 -8.94 -11.74 -10.81
CA LEU A 175 -9.27 -10.92 -9.62
C LEU A 175 -9.81 -9.51 -9.89
N GLY A 176 -9.62 -9.01 -11.11
CA GLY A 176 -10.23 -7.74 -11.52
C GLY A 176 -11.72 -7.62 -11.29
N PRO A 177 -12.50 -8.70 -11.57
CA PRO A 177 -13.92 -8.67 -11.26
C PRO A 177 -14.30 -8.56 -9.77
N LEU A 178 -13.35 -8.84 -8.88
CA LEU A 178 -13.53 -8.79 -7.42
C LEU A 178 -12.90 -7.57 -6.73
N ALA A 179 -12.28 -6.69 -7.50
CA ALA A 179 -11.45 -5.60 -6.98
C ALA A 179 -12.03 -4.27 -7.36
N ASP A 180 -11.88 -3.28 -6.50
CA ASP A 180 -12.17 -1.90 -6.89
C ASP A 180 -11.03 -1.25 -7.66
N TYR A 181 -9.80 -1.60 -7.31
CA TYR A 181 -8.63 -1.24 -8.12
C TYR A 181 -7.62 -2.38 -8.11
N LEU A 182 -6.82 -2.41 -9.18
CA LEU A 182 -5.73 -3.36 -9.32
C LEU A 182 -4.43 -2.57 -9.31
N VAL A 183 -3.36 -3.21 -8.85
CA VAL A 183 -2.02 -2.63 -8.86
C VAL A 183 -1.04 -3.55 -9.54
N VAL A 184 -0.20 -3.00 -10.41
N VAL A 184 -0.23 -2.97 -10.44
CA VAL A 184 0.98 -3.72 -10.93
CA VAL A 184 0.90 -3.63 -11.07
C VAL A 184 2.25 -2.95 -10.63
C VAL A 184 2.16 -2.93 -10.55
N ASN A 185 3.18 -3.64 -9.95
N ASN A 185 3.14 -3.70 -10.06
CA ASN A 185 4.46 -3.05 -9.59
CA ASN A 185 4.44 -3.13 -9.69
C ASN A 185 5.40 -2.99 -10.79
C ASN A 185 5.31 -2.95 -10.92
N VAL A 186 6.04 -1.83 -10.99
CA VAL A 186 6.99 -1.57 -12.07
C VAL A 186 8.38 -1.36 -11.44
N SER A 187 9.40 -1.95 -12.08
CA SER A 187 10.83 -1.66 -11.79
C SER A 187 11.51 -1.05 -13.05
N SER A 188 12.77 -0.62 -12.89
CA SER A 188 13.57 0.08 -13.93
C SER A 188 13.33 -0.30 -15.42
N PRO A 189 12.68 0.62 -16.22
CA PRO A 189 12.61 0.42 -17.68
C PRO A 189 13.97 0.44 -18.42
N GLN A 198 14.84 0.30 -25.57
CA GLN A 198 13.57 -0.42 -25.61
C GLN A 198 12.79 -0.51 -24.25
N GLY A 199 13.24 0.18 -23.20
CA GLY A 199 12.68 0.05 -21.85
C GLY A 199 11.31 0.71 -21.71
N LYS A 200 11.19 1.94 -22.20
CA LYS A 200 9.92 2.67 -22.20
C LYS A 200 8.86 1.98 -23.07
N ALA A 201 9.27 1.60 -24.28
CA ALA A 201 8.46 0.75 -25.18
C ALA A 201 7.97 -0.58 -24.56
N GLU A 202 8.79 -1.21 -23.71
CA GLU A 202 8.42 -2.45 -23.02
C GLU A 202 7.39 -2.20 -21.92
N LEU A 203 7.52 -1.06 -21.24
CA LEU A 203 6.54 -0.64 -20.25
C LEU A 203 5.19 -0.35 -20.91
N ARG A 204 5.23 0.40 -22.01
CA ARG A 204 4.02 0.72 -22.80
C ARG A 204 3.26 -0.57 -23.22
N ARG A 205 4.01 -1.52 -23.75
CA ARG A 205 3.52 -2.83 -24.21
C ARG A 205 2.83 -3.60 -23.07
N LEU A 206 3.52 -3.69 -21.95
CA LEU A 206 3.03 -4.30 -20.73
C LEU A 206 1.71 -3.67 -20.27
N LEU A 207 1.72 -2.35 -20.07
CA LEU A 207 0.56 -1.64 -19.53
C LEU A 207 -0.62 -1.59 -20.53
N THR A 208 -0.31 -1.54 -21.84
CA THR A 208 -1.35 -1.65 -22.87
C THR A 208 -2.11 -2.98 -22.74
N LYS A 209 -1.37 -4.07 -22.55
CA LYS A 209 -1.95 -5.42 -22.38
C LYS A 209 -2.82 -5.49 -21.11
N VAL A 210 -2.34 -4.96 -20.00
CA VAL A 210 -3.09 -4.92 -18.74
C VAL A 210 -4.43 -4.13 -18.89
N LEU A 211 -4.33 -2.94 -19.47
CA LEU A 211 -5.51 -2.10 -19.72
C LEU A 211 -6.51 -2.71 -20.71
N GLN A 212 -6.01 -3.39 -21.74
CA GLN A 212 -6.87 -4.09 -22.69
C GLN A 212 -7.67 -5.17 -21.96
N GLU A 213 -7.00 -5.95 -21.12
CA GLU A 213 -7.68 -7.00 -20.34
C GLU A 213 -8.70 -6.42 -19.38
N ARG A 214 -8.35 -5.33 -18.70
CA ARG A 214 -9.27 -4.63 -17.82
C ARG A 214 -10.50 -4.14 -18.54
N ASP A 215 -10.28 -3.50 -19.69
CA ASP A 215 -11.38 -2.98 -20.52
C ASP A 215 -12.29 -4.09 -21.08
N GLY A 216 -11.79 -5.33 -21.19
CA GLY A 216 -12.58 -6.49 -21.56
C GLY A 216 -13.54 -7.04 -20.51
N LEU A 217 -13.43 -6.57 -19.26
CA LEU A 217 -14.38 -6.97 -18.21
C LEU A 217 -15.69 -6.21 -18.32
N ARG A 218 -16.78 -6.86 -17.92
CA ARG A 218 -18.11 -6.22 -17.91
C ARG A 218 -18.11 -4.97 -17.03
N ARG A 219 -18.85 -3.93 -17.44
CA ARG A 219 -18.75 -2.57 -16.82
C ARG A 219 -18.87 -2.51 -15.32
N VAL A 220 -19.85 -3.24 -14.77
CA VAL A 220 -20.02 -3.28 -13.31
C VAL A 220 -18.85 -3.94 -12.54
N HIS A 221 -18.07 -4.79 -13.21
CA HIS A 221 -16.94 -5.48 -12.60
C HIS A 221 -15.59 -5.00 -13.14
N ARG A 222 -15.49 -3.69 -13.43
CA ARG A 222 -14.31 -3.08 -14.07
C ARG A 222 -13.46 -2.19 -13.12
N PRO A 223 -12.30 -2.70 -12.66
CA PRO A 223 -11.52 -1.97 -11.65
C PRO A 223 -10.63 -0.89 -12.28
N ALA A 224 -10.27 0.10 -11.46
CA ALA A 224 -9.20 1.07 -11.79
C ALA A 224 -7.87 0.30 -11.83
N VAL A 225 -6.93 0.75 -12.65
CA VAL A 225 -5.58 0.14 -12.70
C VAL A 225 -4.54 1.20 -12.29
N LEU A 226 -3.74 0.83 -11.30
CA LEU A 226 -2.65 1.67 -10.80
C LEU A 226 -1.28 0.99 -11.01
N VAL A 227 -0.24 1.82 -11.12
CA VAL A 227 1.13 1.37 -11.23
C VAL A 227 1.79 1.78 -9.90
N LYS A 228 2.46 0.81 -9.28
CA LYS A 228 3.26 1.04 -8.07
C LYS A 228 4.76 1.05 -8.40
N ILE A 229 5.43 2.07 -7.95
CA ILE A 229 6.85 2.27 -8.25
C ILE A 229 7.68 2.21 -6.98
N ALA A 230 8.91 1.83 -7.17
CA ALA A 230 9.93 1.88 -6.12
C ALA A 230 10.44 3.31 -6.02
N PRO A 231 11.14 3.63 -4.90
CA PRO A 231 11.81 4.90 -4.78
C PRO A 231 13.20 4.93 -5.44
N ASP A 232 13.67 3.85 -6.04
CA ASP A 232 15.06 3.74 -6.52
C ASP A 232 15.25 3.99 -8.02
N LEU A 233 14.23 4.54 -8.67
CA LEU A 233 14.26 4.78 -10.09
C LEU A 233 15.08 6.02 -10.40
N THR A 234 15.69 6.03 -11.57
CA THR A 234 16.42 7.20 -12.06
C THR A 234 15.40 8.29 -12.44
N SER A 235 15.90 9.51 -12.63
N SER A 235 15.90 9.51 -12.62
CA SER A 235 15.06 10.60 -13.14
CA SER A 235 15.09 10.60 -13.15
C SER A 235 14.41 10.17 -14.48
C SER A 235 14.41 10.17 -14.48
N GLN A 236 15.29 9.66 -15.41
CA GLN A 236 14.82 9.19 -16.73
CA GLN A 236 14.84 9.15 -16.71
C GLN A 236 13.71 8.13 -16.62
N ASP A 237 13.85 7.18 -15.70
CA ASP A 237 12.79 6.19 -15.43
C ASP A 237 11.47 6.85 -15.01
N LYS A 238 11.56 7.82 -14.09
CA LYS A 238 10.38 8.55 -13.60
C LYS A 238 9.70 9.37 -14.70
N GLU A 239 10.51 10.05 -15.51
N GLU A 239 10.49 10.06 -15.54
CA GLU A 239 10.07 10.80 -16.65
CA GLU A 239 9.94 10.82 -16.66
C GLU A 239 9.31 9.92 -17.68
C GLU A 239 9.26 9.90 -17.68
N ASP A 240 9.85 8.73 -17.92
CA ASP A 240 9.27 7.73 -18.83
C ASP A 240 7.95 7.11 -18.31
N ILE A 241 7.92 6.78 -17.03
CA ILE A 241 6.70 6.29 -16.35
C ILE A 241 5.60 7.32 -16.40
N ALA A 242 5.91 8.57 -16.06
CA ALA A 242 4.90 9.65 -16.13
C ALA A 242 4.28 9.77 -17.52
N SER A 243 5.15 9.76 -18.53
CA SER A 243 4.76 9.88 -19.92
C SER A 243 3.83 8.73 -20.34
N VAL A 244 4.21 7.50 -20.03
CA VAL A 244 3.44 6.31 -20.39
C VAL A 244 2.07 6.28 -19.66
N VAL A 245 2.08 6.59 -18.38
CA VAL A 245 0.85 6.66 -17.55
C VAL A 245 -0.15 7.65 -18.14
N LYS A 246 0.32 8.84 -18.52
CA LYS A 246 -0.57 9.82 -19.15
C LYS A 246 -1.06 9.41 -20.53
N GLU A 247 -0.16 8.93 -21.37
CA GLU A 247 -0.48 8.45 -22.70
C GLU A 247 -1.58 7.36 -22.70
N LEU A 248 -1.41 6.35 -21.86
CA LEU A 248 -2.33 5.22 -21.79
C LEU A 248 -3.58 5.41 -20.94
N GLY A 249 -3.67 6.50 -20.17
CA GLY A 249 -4.77 6.66 -19.22
C GLY A 249 -4.80 5.70 -18.03
N ILE A 250 -3.63 5.35 -17.51
CA ILE A 250 -3.50 4.62 -16.24
C ILE A 250 -4.19 5.47 -15.16
N ASP A 251 -4.94 4.82 -14.28
CA ASP A 251 -5.83 5.52 -13.35
C ASP A 251 -5.13 6.19 -12.17
N GLY A 252 -3.97 5.68 -11.77
CA GLY A 252 -3.29 6.21 -10.61
C GLY A 252 -1.94 5.58 -10.41
N LEU A 253 -1.21 6.14 -9.45
CA LEU A 253 0.15 5.72 -9.11
C LEU A 253 0.20 5.44 -7.62
N ILE A 254 0.94 4.40 -7.24
CA ILE A 254 1.23 4.12 -5.83
C ILE A 254 2.72 4.37 -5.66
N VAL A 255 3.04 5.26 -4.71
CA VAL A 255 4.35 5.84 -4.60
C VAL A 255 4.66 5.84 -3.08
N THR A 256 5.49 4.93 -2.52
CA THR A 256 6.38 3.98 -3.15
C THR A 256 6.36 2.62 -2.47
N ASN A 257 6.97 1.68 -3.17
CA ASN A 257 7.40 0.40 -2.61
C ASN A 257 8.60 0.61 -1.64
N THR A 258 9.16 -0.50 -1.17
CA THR A 258 10.38 -0.47 -0.36
C THR A 258 11.60 -0.06 -1.18
N THR A 259 12.65 0.32 -0.49
CA THR A 259 13.90 0.75 -1.11
C THR A 259 14.99 -0.33 -0.97
N VAL A 260 15.74 -0.54 -2.05
CA VAL A 260 16.97 -1.32 -2.01
C VAL A 260 18.19 -0.52 -1.56
N SER A 261 18.05 0.79 -1.38
CA SER A 261 19.10 1.63 -0.81
C SER A 261 19.19 1.37 0.71
N ARG A 262 20.31 1.78 1.28
CA ARG A 262 20.54 1.76 2.71
C ARG A 262 20.99 3.19 3.08
N PRO A 263 20.03 4.08 3.39
CA PRO A 263 20.38 5.45 3.77
C PRO A 263 21.45 5.48 4.85
N ALA A 264 22.41 6.37 4.73
CA ALA A 264 23.39 6.59 5.78
C ALA A 264 22.63 6.80 7.11
N GLY A 265 23.16 6.23 8.19
CA GLY A 265 22.60 6.43 9.51
C GLY A 265 21.81 5.31 10.10
N LEU A 266 21.51 4.25 9.33
CA LEU A 266 20.89 3.04 9.89
C LEU A 266 21.76 2.45 10.95
N GLN A 267 21.14 2.12 12.07
CA GLN A 267 21.85 1.55 13.22
C GLN A 267 21.62 0.07 13.48
N GLY A 268 20.49 -0.46 13.03
CA GLY A 268 20.13 -1.85 13.29
C GLY A 268 21.27 -2.77 12.86
N ALA A 269 21.51 -3.78 13.68
CA ALA A 269 22.50 -4.84 13.39
C ALA A 269 22.25 -5.52 12.03
N LEU A 270 20.98 -5.58 11.61
CA LEU A 270 20.57 -6.32 10.40
C LEU A 270 20.43 -5.42 9.15
N ARG A 271 21.00 -4.22 9.21
CA ARG A 271 20.92 -3.26 8.12
C ARG A 271 21.47 -3.77 6.77
N SER A 272 22.42 -4.72 6.80
CA SER A 272 23.05 -5.26 5.58
C SER A 272 22.37 -6.52 5.06
N GLU A 273 21.23 -6.93 5.63
CA GLU A 273 20.44 -8.01 5.06
C GLU A 273 19.90 -7.54 3.70
N THR A 274 19.98 -8.43 2.71
CA THR A 274 19.29 -8.27 1.42
C THR A 274 17.79 -8.10 1.61
N GLY A 275 17.25 -7.10 0.94
CA GLY A 275 15.84 -6.93 0.81
C GLY A 275 15.41 -5.48 0.69
N GLY A 276 14.12 -5.28 0.77
CA GLY A 276 13.53 -3.97 0.72
C GLY A 276 13.37 -3.37 2.09
N LEU A 277 13.84 -2.15 2.25
CA LEU A 277 13.72 -1.39 3.50
C LEU A 277 12.46 -0.53 3.50
N SER A 278 11.73 -0.59 4.61
CA SER A 278 10.48 0.12 4.85
C SER A 278 10.55 0.88 6.18
N GLY A 279 9.53 1.68 6.45
CA GLY A 279 9.45 2.46 7.68
C GLY A 279 10.13 3.80 7.65
N LYS A 280 10.54 4.28 8.82
CA LYS A 280 10.95 5.68 8.95
C LYS A 280 12.08 6.12 8.00
N PRO A 281 13.11 5.28 7.77
CA PRO A 281 14.16 5.70 6.84
C PRO A 281 13.72 5.88 5.38
N LEU A 282 12.58 5.32 5.02
CA LEU A 282 11.98 5.46 3.69
C LEU A 282 11.12 6.71 3.55
N ARG A 283 10.66 7.29 4.66
CA ARG A 283 9.64 8.33 4.63
C ARG A 283 9.90 9.46 3.65
N ASP A 284 11.00 10.15 3.84
CA ASP A 284 11.27 11.36 3.02
C ASP A 284 11.65 11.06 1.57
N LEU A 285 12.29 9.91 1.31
CA LEU A 285 12.51 9.41 -0.06
CA LEU A 285 12.52 9.43 -0.04
C LEU A 285 11.18 9.23 -0.77
N SER A 286 10.22 8.59 -0.09
CA SER A 286 8.86 8.41 -0.61
CA SER A 286 8.86 8.42 -0.62
C SER A 286 8.14 9.72 -0.89
N THR A 287 8.10 10.61 0.10
CA THR A 287 7.48 11.92 -0.06
C THR A 287 8.03 12.71 -1.26
N GLN A 288 9.34 12.74 -1.41
N GLN A 288 9.35 12.74 -1.39
CA GLN A 288 9.96 13.44 -2.54
CA GLN A 288 10.03 13.38 -2.51
C GLN A 288 9.68 12.75 -3.90
C GLN A 288 9.63 12.75 -3.87
N THR A 289 9.49 11.42 -3.91
CA THR A 289 9.04 10.72 -5.12
C THR A 289 7.58 11.10 -5.48
N ILE A 290 6.72 11.23 -4.48
CA ILE A 290 5.35 11.72 -4.68
C ILE A 290 5.37 13.08 -5.29
N ARG A 291 6.20 13.95 -4.72
CA ARG A 291 6.33 15.33 -5.20
C ARG A 291 6.73 15.38 -6.69
N GLU A 292 7.73 14.59 -7.06
CA GLU A 292 8.17 14.49 -8.46
C GLU A 292 7.11 13.92 -9.41
N MET A 293 6.46 12.80 -9.02
CA MET A 293 5.42 12.18 -9.86
C MET A 293 4.17 13.07 -10.04
N TYR A 294 3.76 13.77 -8.99
CA TYR A 294 2.69 14.76 -9.08
C TYR A 294 3.03 15.87 -10.08
N ALA A 295 4.23 16.39 -10.02
CA ALA A 295 4.68 17.42 -10.96
C ALA A 295 4.78 16.92 -12.41
N LEU A 296 5.40 15.74 -12.60
CA LEU A 296 5.52 15.15 -13.94
C LEU A 296 4.18 14.72 -14.59
N THR A 297 3.16 14.46 -13.79
CA THR A 297 1.80 14.20 -14.28
C THR A 297 0.83 15.40 -14.20
N GLN A 298 1.35 16.58 -13.90
CA GLN A 298 0.58 17.85 -13.81
C GLN A 298 -0.58 17.80 -12.82
N GLY A 299 -0.45 17.00 -11.77
CA GLY A 299 -1.56 16.81 -10.84
C GLY A 299 -2.81 16.09 -11.34
N ARG A 300 -2.74 15.48 -12.54
N ARG A 300 -2.76 15.47 -12.52
CA ARG A 300 -3.87 14.82 -13.20
CA ARG A 300 -3.92 14.85 -13.15
C ARG A 300 -4.07 13.37 -12.80
C ARG A 300 -3.98 13.34 -12.99
N VAL A 301 -3.05 12.73 -12.23
CA VAL A 301 -3.03 11.30 -11.97
C VAL A 301 -3.03 11.13 -10.44
N PRO A 302 -4.12 10.57 -9.89
CA PRO A 302 -4.17 10.34 -8.46
C PRO A 302 -3.03 9.48 -7.94
N ILE A 303 -2.44 9.88 -6.81
CA ILE A 303 -1.34 9.19 -6.19
C ILE A 303 -1.79 8.66 -4.83
N ILE A 304 -1.46 7.41 -4.56
CA ILE A 304 -1.52 6.83 -3.21
C ILE A 304 -0.12 6.89 -2.64
N GLY A 305 0.04 7.61 -1.55
CA GLY A 305 1.37 7.87 -0.97
C GLY A 305 1.68 6.85 0.10
N VAL A 306 2.85 6.24 0.07
N VAL A 306 2.85 6.23 0.02
CA VAL A 306 3.19 5.20 1.04
CA VAL A 306 3.27 5.12 0.89
C VAL A 306 4.69 5.11 1.22
C VAL A 306 4.75 5.25 1.22
N GLY A 307 5.09 4.95 2.49
CA GLY A 307 6.49 4.78 2.91
C GLY A 307 6.70 5.60 4.16
N GLY A 308 6.84 4.92 5.28
CA GLY A 308 7.14 5.56 6.55
C GLY A 308 6.11 6.46 7.19
N VAL A 309 4.82 6.24 6.89
CA VAL A 309 3.76 6.97 7.54
C VAL A 309 3.52 6.34 8.91
N SER A 310 3.76 7.11 9.97
CA SER A 310 3.38 6.72 11.33
C SER A 310 2.69 7.78 12.16
N SER A 311 2.37 8.93 11.59
CA SER A 311 1.72 10.02 12.28
C SER A 311 0.88 10.79 11.29
N GLY A 312 0.00 11.61 11.84
CA GLY A 312 -0.78 12.58 11.06
C GLY A 312 0.11 13.53 10.26
N GLN A 313 1.19 14.00 10.87
CA GLN A 313 2.15 14.87 10.16
C GLN A 313 2.73 14.16 8.92
N ASP A 314 3.13 12.90 9.08
CA ASP A 314 3.66 12.11 7.97
C ASP A 314 2.62 11.97 6.85
N ALA A 315 1.37 11.72 7.22
CA ALA A 315 0.27 11.57 6.26
C ALA A 315 0.04 12.88 5.54
N LEU A 316 -0.07 13.96 6.30
CA LEU A 316 -0.33 15.25 5.70
C LEU A 316 0.80 15.70 4.78
N GLU A 317 2.06 15.41 5.16
CA GLU A 317 3.19 15.75 4.29
C GLU A 317 3.07 15.11 2.90
N LYS A 318 2.65 13.84 2.87
CA LYS A 318 2.42 13.16 1.58
C LYS A 318 1.23 13.70 0.81
N ILE A 319 0.14 14.02 1.51
CA ILE A 319 -1.04 14.61 0.90
C ILE A 319 -0.70 15.95 0.30
N ARG A 320 -0.02 16.80 1.06
CA ARG A 320 0.37 18.11 0.53
C ARG A 320 1.35 18.00 -0.64
N ALA A 321 2.18 16.97 -0.65
CA ALA A 321 3.11 16.69 -1.77
C ALA A 321 2.42 16.20 -3.06
N GLY A 322 1.17 15.74 -2.94
CA GLY A 322 0.38 15.28 -4.07
C GLY A 322 -0.44 14.03 -3.89
N ALA A 323 -0.34 13.35 -2.73
CA ALA A 323 -1.11 12.11 -2.54
C ALA A 323 -2.58 12.41 -2.23
N SER A 324 -3.49 11.65 -2.85
CA SER A 324 -4.93 11.68 -2.53
C SER A 324 -5.29 10.78 -1.37
N LEU A 325 -4.52 9.70 -1.22
CA LEU A 325 -4.71 8.68 -0.22
C LEU A 325 -3.32 8.31 0.26
N VAL A 326 -3.24 7.73 1.46
CA VAL A 326 -1.99 7.17 1.97
C VAL A 326 -2.20 5.73 2.40
N GLN A 327 -1.09 4.98 2.44
CA GLN A 327 -1.06 3.65 3.05
C GLN A 327 0.08 3.56 4.04
N LEU A 328 -0.04 2.63 4.96
CA LEU A 328 1.05 2.27 5.85
C LEU A 328 1.03 0.78 6.08
N TYR A 329 2.20 0.29 6.47
CA TYR A 329 2.33 -1.04 6.99
C TYR A 329 3.32 -1.06 8.17
N THR A 330 4.58 -0.77 7.92
CA THR A 330 5.63 -0.87 8.94
C THR A 330 5.27 -0.25 10.28
N ALA A 331 4.64 0.92 10.30
CA ALA A 331 4.21 1.54 11.58
C ALA A 331 3.35 0.58 12.45
N LEU A 332 2.49 -0.20 11.81
CA LEU A 332 1.68 -1.22 12.51
C LEU A 332 2.53 -2.26 13.28
N THR A 333 3.72 -2.59 12.77
CA THR A 333 4.61 -3.59 13.41
C THR A 333 5.23 -3.08 14.73
N PHE A 334 5.35 -1.77 14.84
CA PHE A 334 5.88 -1.10 16.01
C PHE A 334 4.83 -0.56 16.96
N TRP A 335 3.73 -0.02 16.41
N TRP A 335 3.72 -0.05 16.44
CA TRP A 335 2.67 0.62 17.22
CA TRP A 335 2.71 0.57 17.32
C TRP A 335 1.44 -0.27 17.47
C TRP A 335 1.40 -0.23 17.45
N GLY A 336 1.24 -1.30 16.65
CA GLY A 336 0.04 -2.11 16.69
C GLY A 336 -1.19 -1.41 16.16
N PRO A 337 -2.34 -2.07 16.25
CA PRO A 337 -3.58 -1.51 15.71
C PRO A 337 -4.00 -0.06 16.13
N PRO A 338 -3.67 0.40 17.35
CA PRO A 338 -4.03 1.80 17.66
C PRO A 338 -3.45 2.89 16.76
N VAL A 339 -2.40 2.56 15.98
CA VAL A 339 -1.76 3.53 15.09
C VAL A 339 -2.69 4.09 14.02
N VAL A 340 -3.70 3.32 13.64
CA VAL A 340 -4.63 3.72 12.58
C VAL A 340 -5.47 4.91 13.07
N GLY A 341 -6.10 4.73 14.23
CA GLY A 341 -6.85 5.79 14.92
C GLY A 341 -5.98 7.02 15.21
N LYS A 342 -4.72 6.77 15.59
CA LYS A 342 -3.78 7.85 15.90
C LYS A 342 -3.52 8.70 14.65
N VAL A 343 -3.19 8.04 13.55
CA VAL A 343 -2.87 8.75 12.29
C VAL A 343 -4.09 9.58 11.88
N LYS A 344 -5.27 8.97 11.92
CA LYS A 344 -6.49 9.67 11.53
C LYS A 344 -6.82 10.88 12.39
N ARG A 345 -6.71 10.74 13.71
CA ARG A 345 -7.00 11.83 14.63
C ARG A 345 -6.02 13.01 14.44
N GLU A 346 -4.75 12.66 14.32
CA GLU A 346 -3.68 13.66 14.12
C GLU A 346 -3.84 14.38 12.78
N LEU A 347 -4.19 13.63 11.73
CA LEU A 347 -4.44 14.21 10.41
C LEU A 347 -5.60 15.22 10.41
N GLU A 348 -6.72 14.83 11.00
CA GLU A 348 -7.87 15.74 11.18
C GLU A 348 -7.50 17.02 11.91
N ALA A 349 -6.79 16.90 13.04
CA ALA A 349 -6.33 18.06 13.80
C ALA A 349 -5.41 19.00 13.00
N LEU A 350 -4.47 18.41 12.26
CA LEU A 350 -3.58 19.17 11.41
C LEU A 350 -4.28 19.85 10.26
N LEU A 351 -5.25 19.17 9.65
CA LEU A 351 -6.05 19.79 8.59
C LEU A 351 -6.74 21.04 9.12
N LYS A 352 -7.37 20.95 10.29
CA LYS A 352 -8.01 22.12 10.91
C LYS A 352 -7.02 23.22 11.23
N GLU A 353 -5.88 22.84 11.81
CA GLU A 353 -4.81 23.81 12.10
C GLU A 353 -4.25 24.52 10.88
N GLN A 354 -4.22 23.86 9.73
CA GLN A 354 -3.63 24.47 8.52
C GLN A 354 -4.67 25.12 7.58
N GLY A 355 -5.92 25.21 8.03
CA GLY A 355 -7.01 25.88 7.32
C GLY A 355 -7.69 25.11 6.20
N PHE A 356 -7.54 23.79 6.15
CA PHE A 356 -8.19 22.97 5.12
C PHE A 356 -9.56 22.51 5.62
N GLY A 357 -10.57 22.63 4.75
CA GLY A 357 -11.92 22.12 5.02
C GLY A 357 -12.02 20.60 5.10
N GLY A 358 -11.14 19.93 4.38
CA GLY A 358 -10.95 18.50 4.47
C GLY A 358 -9.69 18.09 3.72
N VAL A 359 -9.50 16.78 3.65
CA VAL A 359 -8.36 16.17 2.95
C VAL A 359 -8.26 16.64 1.50
N THR A 360 -9.40 16.71 0.82
CA THR A 360 -9.45 17.05 -0.61
C THR A 360 -8.73 18.37 -0.92
N ASP A 361 -8.98 19.37 -0.08
CA ASP A 361 -8.39 20.71 -0.21
C ASP A 361 -6.87 20.73 -0.06
N ALA A 362 -6.34 19.80 0.72
CA ALA A 362 -4.90 19.71 0.99
C ALA A 362 -4.11 18.99 -0.08
N ILE A 363 -4.77 18.20 -0.95
CA ILE A 363 -4.10 17.37 -1.96
C ILE A 363 -3.29 18.27 -2.89
N GLY A 364 -1.97 18.09 -2.88
CA GLY A 364 -1.06 18.90 -3.69
C GLY A 364 -0.90 20.37 -3.30
N ALA A 365 -1.29 20.74 -2.07
CA ALA A 365 -1.23 22.13 -1.59
C ALA A 365 0.19 22.72 -1.66
N ASP A 366 1.24 21.91 -1.49
CA ASP A 366 2.63 22.44 -1.60
C ASP A 366 2.94 22.99 -3.00
N HIS A 367 2.34 22.40 -4.04
CA HIS A 367 2.59 22.80 -5.44
C HIS A 367 1.92 24.15 -5.80
N ARG A 368 0.96 24.58 -4.99
CA ARG A 368 0.28 25.90 -5.11
C ARG A 368 0.84 26.85 -4.05
N1 FMN B . 4.37 -4.19 -1.71
C2 FMN B . 3.80 -4.82 -2.76
O2 FMN B . 3.47 -4.08 -3.72
N3 FMN B . 3.57 -6.15 -2.77
C4 FMN B . 3.92 -6.95 -1.74
O4 FMN B . 3.69 -8.18 -1.77
C4A FMN B . 4.58 -6.37 -0.56
N5 FMN B . 4.99 -7.10 0.52
C5A FMN B . 5.57 -6.52 1.59
C6 FMN B . 5.93 -7.28 2.72
C7 FMN B . 6.54 -6.69 3.83
C7M FMN B . 6.89 -7.54 5.03
C8 FMN B . 6.76 -5.22 3.85
C8M FMN B . 7.38 -4.47 5.00
C9 FMN B . 6.37 -4.49 2.75
C9A FMN B . 5.79 -5.04 1.61
N10 FMN B . 5.41 -4.27 0.48
C10 FMN B . 4.79 -4.89 -0.62
C1' FMN B . 5.62 -2.81 0.39
C2' FMN B . 4.54 -2.07 1.15
O2' FMN B . 3.31 -2.24 0.44
C3' FMN B . 4.89 -0.58 1.23
O3' FMN B . 4.97 -0.06 -0.10
C4' FMN B . 6.23 -0.27 1.92
O4' FMN B . 6.48 -1.15 3.02
C5' FMN B . 6.30 1.15 2.41
O5' FMN B . 5.36 1.47 3.42
P FMN B . 5.69 1.38 5.01
O1P FMN B . 5.78 -0.12 5.31
O2P FMN B . 6.97 2.14 5.22
O3P FMN B . 4.49 1.98 5.65
N1 ORO C . 8.58 -7.11 -0.71
C2 ORO C . 8.50 -5.78 -0.92
O2 ORO C . 9.09 -5.02 -0.12
N3 ORO C . 7.80 -5.27 -1.95
C4 ORO C . 7.15 -6.07 -2.82
O4 ORO C . 6.51 -5.56 -3.79
C5 ORO C . 7.22 -7.46 -2.62
C6 ORO C . 7.94 -7.94 -1.54
C7 ORO C . 8.12 -9.41 -1.35
O71 ORO C . 7.20 -10.24 -1.44
O72 ORO C . 9.31 -9.77 -1.14
C1 T78 D . 6.71 -7.08 8.86
C2 T78 D . 6.17 -8.34 9.53
C4 T78 D . 4.18 -7.82 10.95
C8 T78 D . 6.12 -7.84 12.01
C11 T78 D . 2.83 -7.23 12.93
O14 T78 D . 1.39 -8.32 16.02
C15 T78 D . 2.24 -9.43 16.38
C17 T78 D . 3.35 -8.95 17.31
C18 T78 D . 1.31 -10.45 17.04
C23 T78 D . 0.71 -6.12 13.18
C24 T78 D . 1.86 -6.33 12.45
C30 T78 D . -3.54 -7.59 16.34
C31 T78 D . -3.70 -8.02 14.91
C32 T78 D . -4.66 -7.50 17.16
C33 T78 D . -4.55 -7.13 18.49
C35 T78 D . -2.27 -6.91 18.28
N3 T78 D . 5.50 -8.01 10.78
O5 T78 D . 3.31 -7.89 10.07
N6 T78 D . 4.00 -7.51 12.26
N7 T78 D . 5.24 -7.54 12.88
C9 T78 D . 7.57 -7.98 12.37
O10 T78 D . 8.42 -7.14 11.61
N12 T78 D . 2.63 -7.84 14.09
C13 T78 D . 1.54 -7.66 14.84
F19 T78 D . 0.32 -10.79 16.14
F20 T78 D . 2.06 -11.56 17.35
F21 T78 D . 0.73 -9.91 18.18
C22 T78 D . 0.51 -6.77 14.41
F25 T78 D . 1.99 -5.66 11.30
C26 T78 D . -0.75 -6.54 15.15
O27 T78 D . -1.53 -5.68 14.74
N28 T78 D . -1.10 -7.35 16.20
C29 T78 D . -2.29 -7.26 16.93
N34 T78 D . -3.37 -6.85 19.02
CL36 T78 D . -0.77 -6.53 19.03
S SO4 E . -22.79 -8.79 -14.43
O1 SO4 E . -23.91 -9.62 -14.90
O2 SO4 E . -22.82 -7.48 -15.13
O3 SO4 E . -22.92 -8.60 -12.96
O4 SO4 E . -21.52 -9.48 -14.76
C ACT F . -16.51 -4.33 -5.05
O ACT F . -16.90 -3.31 -5.62
OXT ACT F . -17.24 -4.91 -4.21
CH3 ACT F . -15.16 -4.91 -5.34
C ACT G . 15.03 8.74 9.88
O ACT G . 14.71 7.57 9.57
OXT ACT G . 15.45 9.04 11.00
CH3 ACT G . 14.97 9.80 8.82
S SO4 H . 2.22 -14.67 5.50
O1 SO4 H . 2.38 -13.83 4.29
O2 SO4 H . 0.98 -14.33 6.25
O3 SO4 H . 2.15 -16.09 5.07
O4 SO4 H . 3.40 -14.45 6.40
C1 GOL I . 8.30 8.45 -27.66
O1 GOL I . 7.31 8.46 -26.62
C2 GOL I . 9.42 7.46 -27.34
O2 GOL I . 10.20 7.98 -26.25
C3 GOL I . 8.84 6.10 -26.96
O3 GOL I . 9.70 4.97 -27.19
#